data_3CAZ
#
_entry.id   3CAZ
#
_cell.length_a   78.962
_cell.length_b   78.962
_cell.length_c   456.028
_cell.angle_alpha   90.000
_cell.angle_beta   90.000
_cell.angle_gamma   120.000
#
_symmetry.space_group_name_H-M   'P 61 2 2'
#
_entity_poly.entity_id   1
_entity_poly.type   'polypeptide(L)'
_entity_poly.pdbx_seq_one_letter_code
;AIAERLSPVFATSKSSN(MSE)EVEHW(MSE)TSLKEVEKVLDSVEPKLTSSGTKWRVVAQHIKDICSDLNQIFNKEDPR
YEVVQAGASAAHDFDVRYLDIHKHGREIARLLEKIQKYRQEIEEIKKEYKETDKYRERYDHYKVKLDNLEKKNKDQERIE
RNQQKFKDAEAAYSSVCADLIQK(MSE)ETVWKKHVSIFAEAASAVWSTQLQYAKALEAAANPIVPYLQQEEQEEEEEEE
AASGTQGRVAEKAYHTNEEKVENSFQKNSAIPPSFRTASEQLTEQSKNINNAKNTSETSPAEDIEA
;
_entity_poly.pdbx_strand_id   A,B
#
# COMPACT_ATOMS: atom_id res chain seq x y z
N SER A 15 28.32 32.07 -27.98
CA SER A 15 29.04 33.31 -27.58
C SER A 15 29.62 33.23 -26.17
N SER A 16 29.33 32.13 -25.47
CA SER A 16 29.71 31.95 -24.06
C SER A 16 30.36 30.58 -23.77
N ASN A 17 30.60 30.31 -22.48
CA ASN A 17 31.37 29.15 -22.04
C ASN A 17 30.55 27.88 -21.88
N GLU A 19 31.54 24.63 -21.58
CA GLU A 19 32.08 23.73 -20.55
C GLU A 19 31.57 24.09 -19.17
N VAL A 20 31.30 25.37 -18.93
CA VAL A 20 30.65 25.80 -17.70
C VAL A 20 29.24 25.24 -17.66
N GLU A 21 28.52 25.40 -18.76
CA GLU A 21 27.13 25.00 -18.85
C GLU A 21 26.94 23.49 -18.72
N HIS A 22 27.85 22.71 -19.32
CA HIS A 22 27.82 21.26 -19.16
C HIS A 22 27.60 20.89 -17.69
N TRP A 23 28.36 21.55 -16.81
CA TRP A 23 28.22 21.32 -15.38
C TRP A 23 26.94 21.94 -14.81
N THR A 25 24.22 22.28 -16.42
CA THR A 25 23.25 21.29 -16.86
C THR A 25 23.30 20.05 -15.99
N SER A 26 24.49 19.50 -15.80
CA SER A 26 24.66 18.25 -15.08
C SER A 26 24.04 18.30 -13.69
N LEU A 27 24.16 19.45 -13.04
CA LEU A 27 23.54 19.68 -11.74
C LEU A 27 22.03 19.84 -11.88
N LYS A 28 21.61 20.63 -12.87
CA LYS A 28 20.18 20.76 -13.16
C LYS A 28 19.55 19.36 -13.14
N GLU A 29 20.20 18.42 -13.81
CA GLU A 29 19.77 17.02 -13.88
C GLU A 29 19.71 16.36 -12.52
N VAL A 30 20.71 16.60 -11.67
CA VAL A 30 20.70 16.05 -10.32
C VAL A 30 19.50 16.55 -9.51
N GLU A 31 19.19 17.84 -9.66
CA GLU A 31 18.04 18.43 -8.98
C GLU A 31 16.74 17.75 -9.42
N LYS A 32 16.58 17.60 -10.74
CA LYS A 32 15.43 16.90 -11.32
C LYS A 32 15.22 15.60 -10.57
N VAL A 33 16.31 14.87 -10.33
CA VAL A 33 16.25 13.61 -9.58
C VAL A 33 15.83 13.86 -8.15
N LEU A 34 16.43 14.85 -7.51
CA LEU A 34 16.05 15.19 -6.14
C LEU A 34 14.56 15.50 -6.02
N ASP A 35 14.08 16.37 -6.90
CA ASP A 35 12.67 16.79 -6.92
C ASP A 35 11.73 15.61 -7.19
N SER A 36 12.17 14.67 -8.01
CA SER A 36 11.36 13.53 -8.38
C SER A 36 11.19 12.55 -7.23
N VAL A 37 12.26 12.38 -6.44
CA VAL A 37 12.31 11.36 -5.42
C VAL A 37 11.77 11.84 -4.07
N GLU A 38 12.06 13.08 -3.73
CA GLU A 38 11.64 13.64 -2.45
C GLU A 38 10.20 13.30 -2.05
N PRO A 39 9.23 13.51 -2.98
CA PRO A 39 7.84 13.21 -2.60
C PRO A 39 7.57 11.72 -2.49
N LYS A 40 8.28 10.91 -3.26
CA LYS A 40 8.16 9.45 -3.13
C LYS A 40 8.67 9.06 -1.77
N LEU A 41 9.85 9.57 -1.43
CA LEU A 41 10.46 9.31 -0.14
C LEU A 41 9.56 9.68 1.02
N THR A 42 8.94 10.85 0.95
CA THR A 42 8.15 11.37 2.06
C THR A 42 6.85 10.56 2.35
N SER A 43 6.42 9.76 1.39
CA SER A 43 5.18 8.99 1.50
C SER A 43 5.41 7.49 1.71
N SER A 44 6.65 7.10 1.98
CA SER A 44 7.00 5.68 2.10
C SER A 44 6.11 4.93 3.12
N GLY A 45 5.97 5.50 4.31
CA GLY A 45 5.12 4.92 5.35
C GLY A 45 3.63 4.87 5.04
N THR A 46 3.19 5.68 4.08
CA THR A 46 1.79 5.74 3.66
C THR A 46 1.33 4.38 3.15
N LYS A 47 2.17 3.79 2.31
CA LYS A 47 1.88 2.54 1.62
C LYS A 47 1.69 1.40 2.62
N TRP A 48 2.48 1.40 3.70
CA TRP A 48 2.37 0.37 4.71
C TRP A 48 1.16 0.55 5.62
N ARG A 49 0.77 1.79 5.87
CA ARG A 49 -0.43 2.06 6.65
C ARG A 49 -1.64 1.43 5.99
N VAL A 50 -1.67 1.50 4.66
CA VAL A 50 -2.66 0.84 3.84
C VAL A 50 -2.69 -0.66 4.17
N VAL A 51 -1.52 -1.30 4.14
CA VAL A 51 -1.40 -2.74 4.45
C VAL A 51 -1.79 -3.02 5.90
N ALA A 52 -1.33 -2.17 6.81
CA ALA A 52 -1.68 -2.29 8.22
C ALA A 52 -3.18 -2.31 8.37
N GLN A 53 -3.81 -1.17 8.05
CA GLN A 53 -5.24 -0.98 8.21
C GLN A 53 -6.07 -2.04 7.48
N HIS A 54 -5.62 -2.47 6.31
CA HIS A 54 -6.33 -3.46 5.50
C HIS A 54 -6.52 -4.78 6.25
N ILE A 55 -5.43 -5.33 6.78
CA ILE A 55 -5.48 -6.55 7.57
C ILE A 55 -6.46 -6.36 8.73
N LYS A 56 -6.13 -5.42 9.60
CA LYS A 56 -6.94 -5.04 10.75
C LYS A 56 -8.41 -4.87 10.40
N ASP A 57 -8.69 -4.50 9.16
CA ASP A 57 -10.06 -4.34 8.69
C ASP A 57 -10.74 -5.68 8.45
N ILE A 58 -10.06 -6.55 7.72
CA ILE A 58 -10.59 -7.88 7.46
C ILE A 58 -10.76 -8.67 8.76
N CYS A 59 -9.74 -8.62 9.62
CA CYS A 59 -9.78 -9.29 10.92
C CYS A 59 -11.00 -8.92 11.76
N SER A 60 -11.18 -7.63 11.99
CA SER A 60 -12.24 -7.13 12.87
C SER A 60 -13.63 -7.32 12.28
N ASP A 61 -13.70 -7.61 10.97
CA ASP A 61 -14.94 -8.03 10.33
C ASP A 61 -15.32 -9.42 10.84
N LEU A 62 -14.36 -10.33 10.79
CA LEU A 62 -14.53 -11.70 11.24
C LEU A 62 -14.61 -11.78 12.76
N ASN A 63 -14.28 -10.68 13.43
CA ASN A 63 -14.23 -10.64 14.88
C ASN A 63 -15.41 -9.88 15.49
N GLN A 64 -16.60 -10.07 14.91
CA GLN A 64 -17.79 -9.40 15.41
C GLN A 64 -18.89 -10.38 15.81
N ILE A 65 -19.81 -10.70 14.90
CA ILE A 65 -20.95 -11.59 15.25
C ILE A 65 -20.56 -13.05 15.47
N PHE A 66 -19.26 -13.34 15.29
CA PHE A 66 -18.65 -14.50 15.90
C PHE A 66 -18.58 -14.15 17.39
N ASN A 67 -19.58 -14.57 18.15
CA ASN A 67 -19.65 -14.26 19.57
C ASN A 67 -19.37 -15.49 20.41
N LYS A 68 -20.22 -16.50 20.23
CA LYS A 68 -20.16 -17.77 20.97
C LYS A 68 -18.76 -18.35 20.87
N GLU A 69 -18.03 -18.28 21.99
CA GLU A 69 -16.63 -18.67 21.99
C GLU A 69 -16.43 -20.17 21.84
N ASP A 70 -16.24 -20.59 20.59
CA ASP A 70 -15.79 -21.92 20.28
C ASP A 70 -14.29 -21.97 20.56
N PRO A 71 -13.72 -23.18 20.64
CA PRO A 71 -12.27 -23.29 20.49
C PRO A 71 -11.82 -22.73 19.13
N ARG A 72 -12.78 -22.30 18.30
CA ARG A 72 -12.50 -21.69 16.99
C ARG A 72 -12.66 -20.17 16.97
N TYR A 73 -13.16 -19.59 18.06
CA TYR A 73 -13.19 -18.14 18.21
C TYR A 73 -11.78 -17.61 18.46
N GLU A 74 -10.91 -18.48 18.96
CA GLU A 74 -9.49 -18.16 19.17
C GLU A 74 -8.84 -17.76 17.86
N VAL A 75 -8.85 -18.69 16.91
CA VAL A 75 -8.13 -18.57 15.64
C VAL A 75 -8.35 -17.20 14.97
N VAL A 76 -9.55 -16.66 15.09
CA VAL A 76 -9.86 -15.34 14.55
C VAL A 76 -9.36 -14.24 15.48
N GLN A 77 -9.62 -14.39 16.78
CA GLN A 77 -9.19 -13.40 17.77
C GLN A 77 -7.67 -13.32 17.88
N ALA A 78 -7.02 -14.48 17.80
CA ALA A 78 -5.56 -14.59 17.82
C ALA A 78 -4.92 -13.91 16.61
N GLY A 79 -5.67 -13.86 15.51
CA GLY A 79 -5.26 -13.08 14.35
C GLY A 79 -5.59 -11.62 14.55
N ALA A 80 -6.71 -11.35 15.23
CA ALA A 80 -7.20 -9.98 15.42
C ALA A 80 -6.30 -9.16 16.33
N SER A 81 -5.83 -9.77 17.41
CA SER A 81 -4.87 -9.13 18.30
C SER A 81 -3.55 -8.94 17.55
N ALA A 82 -3.16 -9.94 16.78
CA ALA A 82 -1.95 -9.91 15.98
C ALA A 82 -1.97 -8.85 14.89
N ALA A 83 -3.16 -8.58 14.34
CA ALA A 83 -3.33 -7.52 13.36
C ALA A 83 -3.18 -6.16 14.02
N HIS A 84 -3.71 -6.04 15.24
CA HIS A 84 -3.57 -4.84 16.04
C HIS A 84 -2.11 -4.63 16.46
N ASP A 85 -1.52 -5.68 17.01
CA ASP A 85 -0.09 -5.73 17.36
C ASP A 85 0.79 -5.14 16.25
N PHE A 86 0.47 -5.49 15.02
CA PHE A 86 1.18 -4.98 13.85
C PHE A 86 1.03 -3.46 13.68
N ASP A 87 -0.16 -2.94 13.96
CA ASP A 87 -0.40 -1.51 13.80
C ASP A 87 0.50 -0.69 14.73
N VAL A 88 0.58 -1.12 15.98
CA VAL A 88 1.44 -0.47 16.97
C VAL A 88 2.91 -0.62 16.57
N ARG A 89 3.25 -1.78 16.02
CA ARG A 89 4.56 -2.01 15.42
C ARG A 89 4.86 -0.98 14.34
N TYR A 90 3.88 -0.73 13.47
CA TYR A 90 4.01 0.18 12.34
C TYR A 90 4.16 1.63 12.79
N LEU A 91 3.30 2.06 13.72
CA LEU A 91 3.34 3.43 14.20
C LEU A 91 4.69 3.73 14.81
N ASP A 92 5.15 2.84 15.68
CA ASP A 92 6.47 2.93 16.31
C ASP A 92 7.55 3.18 15.27
N ILE A 93 7.54 2.39 14.20
CA ILE A 93 8.49 2.54 13.10
C ILE A 93 8.28 3.85 12.35
N HIS A 94 7.03 4.30 12.24
CA HIS A 94 6.72 5.52 11.50
C HIS A 94 7.12 6.77 12.29
N LYS A 95 6.61 6.88 13.52
CA LYS A 95 6.86 8.05 14.36
C LYS A 95 8.31 8.18 14.82
N HIS A 96 9.09 7.10 14.69
CA HIS A 96 10.45 7.10 15.21
C HIS A 96 11.54 6.73 14.19
N GLY A 97 11.13 6.48 12.95
CA GLY A 97 12.07 6.19 11.86
C GLY A 97 12.82 7.41 11.42
N ARG A 98 14.02 7.59 11.98
CA ARG A 98 14.84 8.77 11.72
C ARG A 98 15.49 8.74 10.34
N GLU A 99 15.85 7.53 9.87
CA GLU A 99 16.64 7.33 8.64
C GLU A 99 16.15 8.15 7.45
N ILE A 100 14.85 8.12 7.20
CA ILE A 100 14.24 8.89 6.11
C ILE A 100 14.27 10.39 6.37
N ALA A 101 13.76 10.80 7.53
CA ALA A 101 13.75 12.20 7.94
C ALA A 101 15.14 12.83 7.81
N ARG A 102 16.16 12.13 8.32
CA ARG A 102 17.55 12.56 8.22
C ARG A 102 17.97 12.77 6.77
N LEU A 103 17.58 11.83 5.91
CA LEU A 103 17.93 11.88 4.49
C LEU A 103 17.26 13.05 3.77
N LEU A 104 16.02 13.35 4.16
CA LEU A 104 15.30 14.51 3.63
C LEU A 104 16.09 15.76 3.92
N GLU A 105 16.33 16.03 5.20
CA GLU A 105 17.14 17.18 5.62
C GLU A 105 18.41 17.34 4.79
N LYS A 106 19.04 16.22 4.44
CA LYS A 106 20.27 16.23 3.65
C LYS A 106 20.00 16.65 2.21
N ILE A 107 18.84 16.25 1.69
CA ILE A 107 18.43 16.63 0.34
C ILE A 107 18.05 18.11 0.31
N GLN A 108 17.34 18.57 1.34
CA GLN A 108 16.94 19.99 1.46
C GLN A 108 18.14 20.91 1.35
N LYS A 109 19.19 20.57 2.10
CA LYS A 109 20.42 21.35 2.08
C LYS A 109 21.15 21.22 0.76
N TYR A 110 21.17 20.01 0.22
CA TYR A 110 21.86 19.74 -1.04
C TYR A 110 21.15 20.38 -2.24
N ARG A 111 19.82 20.51 -2.15
CA ARG A 111 19.07 21.25 -3.16
C ARG A 111 19.48 22.70 -3.06
N GLN A 112 19.24 23.29 -1.88
CA GLN A 112 19.64 24.65 -1.58
C GLN A 112 21.03 24.96 -2.13
N GLU A 113 21.99 24.11 -1.80
CA GLU A 113 23.39 24.24 -2.24
C GLU A 113 23.50 24.61 -3.71
N ILE A 114 22.62 24.05 -4.53
CA ILE A 114 22.71 24.24 -5.96
C ILE A 114 21.82 25.37 -6.46
N GLU A 115 20.80 25.72 -5.67
CA GLU A 115 20.07 26.94 -5.93
C GLU A 115 20.99 28.13 -5.70
N GLU A 116 21.92 27.97 -4.76
CA GLU A 116 22.91 29.01 -4.45
C GLU A 116 23.96 29.15 -5.52
N ILE A 117 24.23 28.04 -6.23
CA ILE A 117 25.21 28.10 -7.31
C ILE A 117 24.54 28.20 -8.69
N LYS A 118 23.21 28.28 -8.66
CA LYS A 118 22.43 28.69 -9.82
C LYS A 118 22.62 30.21 -9.99
N LYS A 119 22.76 30.89 -8.85
CA LYS A 119 22.95 32.34 -8.80
C LYS A 119 24.34 32.73 -9.27
N GLU A 120 25.36 32.03 -8.76
CA GLU A 120 26.74 32.26 -9.16
C GLU A 120 26.86 32.14 -10.67
N TYR A 121 26.14 31.16 -11.22
CA TYR A 121 26.06 30.94 -12.66
C TYR A 121 25.56 32.18 -13.40
N LYS A 122 24.61 32.89 -12.80
CA LYS A 122 24.05 34.09 -13.44
C LYS A 122 25.03 35.27 -13.44
N GLU A 123 25.70 35.52 -12.31
CA GLU A 123 26.71 36.58 -12.21
C GLU A 123 27.79 36.42 -13.26
N THR A 124 28.06 35.16 -13.63
CA THR A 124 29.02 34.85 -14.67
C THR A 124 28.75 35.63 -15.96
N ASP A 125 27.49 35.73 -16.37
CA ASP A 125 27.14 36.38 -17.64
C ASP A 125 27.54 37.84 -17.70
N LYS A 126 27.56 38.52 -16.55
CA LYS A 126 28.05 39.89 -16.45
C LYS A 126 29.51 39.96 -16.96
N TYR A 127 30.36 39.06 -16.46
CA TYR A 127 31.75 38.97 -16.90
C TYR A 127 31.86 38.70 -18.39
N ARG A 128 30.92 37.91 -18.91
CA ARG A 128 30.84 37.61 -20.34
C ARG A 128 30.43 38.85 -21.14
N GLU A 129 29.55 39.68 -20.57
CA GLU A 129 29.10 40.90 -21.22
C GLU A 129 30.28 41.81 -21.59
N ARG A 130 31.21 42.00 -20.66
CA ARG A 130 32.42 42.77 -20.90
C ARG A 130 33.21 42.19 -22.06
N TYR A 131 33.47 40.88 -22.01
CA TYR A 131 34.18 40.18 -23.06
C TYR A 131 33.60 40.50 -24.44
N ASP A 132 32.29 40.37 -24.58
CA ASP A 132 31.63 40.64 -25.85
C ASP A 132 31.57 42.12 -26.19
N HIS A 133 31.56 42.99 -25.18
CA HIS A 133 31.60 44.44 -25.42
C HIS A 133 32.94 44.85 -26.02
N TYR A 134 34.02 44.38 -25.40
CA TYR A 134 35.38 44.74 -25.81
C TYR A 134 35.85 43.99 -27.05
N LYS A 135 35.28 42.81 -27.31
CA LYS A 135 35.52 42.10 -28.56
C LYS A 135 35.03 42.96 -29.71
N VAL A 136 33.81 43.46 -29.57
CA VAL A 136 33.15 44.31 -30.57
C VAL A 136 33.92 45.60 -30.85
N LYS A 137 34.35 46.28 -29.79
CA LYS A 137 35.04 47.57 -29.94
C LYS A 137 36.37 47.45 -30.66
N LEU A 138 37.19 46.47 -30.26
CA LEU A 138 38.47 46.25 -30.94
C LEU A 138 38.30 46.09 -32.45
N ASP A 139 37.25 45.39 -32.86
CA ASP A 139 36.93 45.25 -34.27
C ASP A 139 36.66 46.60 -34.91
N ASN A 140 35.80 47.39 -34.27
CA ASN A 140 35.42 48.71 -34.79
C ASN A 140 36.60 49.68 -34.83
N LEU A 141 37.40 49.67 -33.75
CA LEU A 141 38.51 50.60 -33.59
C LEU A 141 39.69 50.28 -34.51
N GLU A 142 39.98 49.00 -34.68
CA GLU A 142 41.05 48.57 -35.58
C GLU A 142 40.66 48.75 -37.05
N LYS A 143 39.39 48.54 -37.35
CA LYS A 143 38.84 48.76 -38.70
C LYS A 143 39.01 50.23 -39.09
N LYS A 144 38.62 51.12 -38.18
CA LYS A 144 38.79 52.56 -38.36
C LYS A 144 40.27 52.93 -38.55
N ASN A 145 41.13 52.22 -37.83
CA ASN A 145 42.58 52.43 -37.87
C ASN A 145 42.93 53.92 -37.86
N LYS A 146 42.61 54.58 -36.76
CA LYS A 146 42.85 56.00 -36.64
C LYS A 146 43.54 56.33 -35.33
N ASP A 147 42.89 56.03 -34.22
CA ASP A 147 43.50 56.28 -32.92
C ASP A 147 44.30 55.06 -32.47
N GLN A 148 45.59 55.07 -32.79
CA GLN A 148 46.48 53.95 -32.49
C GLN A 148 46.70 53.72 -30.98
N GLU A 149 46.75 54.80 -30.21
CA GLU A 149 46.93 54.71 -28.76
C GLU A 149 45.70 54.09 -28.10
N ARG A 150 44.54 54.45 -28.62
CA ARG A 150 43.25 53.95 -28.14
C ARG A 150 43.09 52.45 -28.42
N ILE A 151 43.48 52.02 -29.61
CA ILE A 151 43.36 50.60 -29.95
C ILE A 151 44.37 49.76 -29.17
N GLU A 152 45.49 50.35 -28.82
CA GLU A 152 46.48 49.68 -27.98
C GLU A 152 45.90 49.49 -26.57
N ARG A 153 45.16 50.49 -26.11
CA ARG A 153 44.52 50.48 -24.79
C ARG A 153 43.44 49.42 -24.67
N ASN A 154 42.67 49.23 -25.74
CA ASN A 154 41.62 48.20 -25.77
C ASN A 154 42.18 46.81 -25.97
N GLN A 155 43.14 46.66 -26.88
CA GLN A 155 43.89 45.41 -27.03
C GLN A 155 44.27 44.85 -25.67
N GLN A 156 44.59 45.74 -24.74
CA GLN A 156 44.88 45.35 -23.37
C GLN A 156 43.61 45.04 -22.61
N LYS A 157 42.62 45.93 -22.70
CA LYS A 157 41.41 45.83 -21.87
C LYS A 157 40.47 44.68 -22.25
N PHE A 158 40.54 44.25 -23.52
CA PHE A 158 39.87 43.04 -23.96
C PHE A 158 40.55 41.81 -23.35
N LYS A 159 41.89 41.76 -23.43
CA LYS A 159 42.65 40.67 -22.83
C LYS A 159 42.40 40.57 -21.32
N ASP A 160 42.09 41.72 -20.72
CA ASP A 160 41.71 41.78 -19.31
C ASP A 160 40.37 41.09 -19.08
N ALA A 161 39.39 41.41 -19.92
CA ALA A 161 38.06 40.80 -19.86
C ALA A 161 38.16 39.28 -20.05
N GLU A 162 38.97 38.87 -21.02
CA GLU A 162 39.21 37.46 -21.30
C GLU A 162 39.73 36.74 -20.05
N ALA A 163 40.92 37.14 -19.61
CA ALA A 163 41.59 36.49 -18.49
C ALA A 163 40.72 36.40 -17.23
N ALA A 164 39.88 37.41 -17.02
CA ALA A 164 39.04 37.49 -15.82
C ALA A 164 37.88 36.53 -15.90
N TYR A 165 37.15 36.58 -17.02
CA TYR A 165 36.05 35.67 -17.31
C TYR A 165 36.53 34.23 -17.32
N SER A 166 37.67 34.01 -17.99
CA SER A 166 38.34 32.72 -18.04
C SER A 166 38.66 32.19 -16.64
N SER A 167 39.11 33.07 -15.75
CA SER A 167 39.40 32.68 -14.36
C SER A 167 38.13 32.40 -13.59
N VAL A 168 37.16 33.31 -13.70
CA VAL A 168 35.89 33.20 -13.00
C VAL A 168 35.20 31.88 -13.33
N CYS A 169 35.32 31.47 -14.59
CA CYS A 169 34.73 30.23 -15.07
C CYS A 169 35.43 29.01 -14.51
N ALA A 170 36.74 28.91 -14.71
CA ALA A 170 37.53 27.82 -14.13
C ALA A 170 37.25 27.64 -12.64
N ASP A 171 36.90 28.74 -11.97
CA ASP A 171 36.53 28.73 -10.55
C ASP A 171 35.18 28.11 -10.26
N LEU A 172 34.21 28.34 -11.14
CA LEU A 172 32.92 27.68 -11.00
C LEU A 172 33.01 26.19 -11.30
N ILE A 173 33.60 25.84 -12.43
CA ILE A 173 33.60 24.45 -12.88
C ILE A 173 34.28 23.52 -11.87
N GLN A 174 35.08 24.09 -10.97
CA GLN A 174 35.66 23.31 -9.91
C GLN A 174 34.67 23.19 -8.76
N LYS A 175 33.99 24.30 -8.43
CA LYS A 175 32.96 24.30 -7.41
C LYS A 175 31.78 23.42 -7.80
N GLU A 177 31.83 21.04 -10.00
CA GLU A 177 32.36 19.68 -9.95
C GLU A 177 32.26 19.08 -8.54
N THR A 178 32.56 19.89 -7.52
CA THR A 178 32.50 19.43 -6.13
C THR A 178 31.06 19.13 -5.74
N VAL A 179 30.15 20.01 -6.13
CA VAL A 179 28.73 19.86 -5.79
C VAL A 179 28.11 18.61 -6.46
N TRP A 180 28.42 18.41 -7.75
CA TRP A 180 28.07 17.19 -8.46
C TRP A 180 28.51 15.96 -7.69
N LYS A 181 29.79 15.93 -7.29
CA LYS A 181 30.38 14.80 -6.54
C LYS A 181 29.52 14.37 -5.34
N LYS A 182 28.85 15.33 -4.73
CA LYS A 182 27.98 15.07 -3.58
C LYS A 182 26.94 13.96 -3.85
N HIS A 183 26.32 14.03 -5.03
CA HIS A 183 25.19 13.16 -5.38
C HIS A 183 25.45 11.67 -5.17
N VAL A 184 26.64 11.23 -5.55
CA VAL A 184 27.02 9.82 -5.45
C VAL A 184 26.71 9.26 -4.06
N SER A 185 27.18 9.96 -3.03
CA SER A 185 26.96 9.58 -1.64
C SER A 185 25.50 9.60 -1.26
N ILE A 186 24.81 10.68 -1.65
CA ILE A 186 23.43 10.90 -1.26
C ILE A 186 22.48 9.89 -1.93
N PHE A 187 22.71 9.64 -3.20
CA PHE A 187 21.94 8.62 -3.93
C PHE A 187 22.08 7.25 -3.27
N ALA A 188 23.28 6.95 -2.76
CA ALA A 188 23.54 5.70 -2.04
C ALA A 188 22.76 5.64 -0.75
N GLU A 189 22.83 6.72 0.02
CA GLU A 189 22.13 6.80 1.31
C GLU A 189 20.62 6.66 1.13
N ALA A 190 20.08 7.26 0.07
CA ALA A 190 18.66 7.15 -0.21
C ALA A 190 18.26 5.69 -0.36
N ALA A 191 18.86 5.02 -1.35
CA ALA A 191 18.62 3.61 -1.61
C ALA A 191 18.65 2.77 -0.35
N SER A 192 19.75 2.87 0.41
CA SER A 192 19.92 2.07 1.63
C SER A 192 18.92 2.47 2.71
N ALA A 193 18.63 3.76 2.84
CA ALA A 193 17.67 4.23 3.84
C ALA A 193 16.27 3.70 3.57
N VAL A 194 15.93 3.59 2.28
CA VAL A 194 14.64 3.05 1.85
C VAL A 194 14.48 1.59 2.28
N TRP A 195 15.36 0.71 1.78
CA TRP A 195 15.28 -0.70 2.10
C TRP A 195 15.38 -0.97 3.59
N SER A 196 16.23 -0.19 4.26
CA SER A 196 16.31 -0.22 5.73
C SER A 196 14.95 0.00 6.35
N THR A 197 14.18 0.95 5.80
CA THR A 197 12.84 1.26 6.31
C THR A 197 11.88 0.13 5.96
N GLN A 198 11.84 -0.24 4.68
CA GLN A 198 10.92 -1.27 4.21
C GLN A 198 11.13 -2.60 4.93
N LEU A 199 12.39 -3.03 5.02
CA LEU A 199 12.74 -4.23 5.77
C LEU A 199 12.26 -4.17 7.19
N GLN A 200 12.39 -2.99 7.81
CA GLN A 200 11.93 -2.82 9.18
C GLN A 200 10.45 -3.13 9.30
N TYR A 201 9.68 -2.71 8.29
CA TYR A 201 8.25 -2.97 8.25
C TYR A 201 7.96 -4.46 8.05
N ALA A 202 8.64 -5.08 7.10
CA ALA A 202 8.48 -6.51 6.86
C ALA A 202 8.79 -7.31 8.13
N LYS A 203 9.97 -7.09 8.70
CA LYS A 203 10.35 -7.72 9.96
C LYS A 203 9.23 -7.62 10.96
N ALA A 204 8.65 -6.41 11.06
CA ALA A 204 7.59 -6.13 12.02
C ALA A 204 6.32 -6.93 11.77
N LEU A 205 5.99 -7.16 10.49
CA LEU A 205 4.83 -7.96 10.14
C LEU A 205 5.03 -9.40 10.58
N GLU A 206 6.15 -9.99 10.16
CA GLU A 206 6.52 -11.34 10.58
C GLU A 206 6.42 -11.46 12.09
N ALA A 207 7.04 -10.50 12.78
CA ALA A 207 6.98 -10.42 14.23
C ALA A 207 5.54 -10.56 14.75
N ALA A 208 4.62 -9.82 14.14
CA ALA A 208 3.23 -9.77 14.56
C ALA A 208 2.47 -11.08 14.28
N ALA A 209 2.88 -11.76 13.20
CA ALA A 209 2.27 -13.01 12.78
C ALA A 209 2.50 -14.13 13.80
N ASN A 210 3.48 -13.90 14.69
CA ASN A 210 3.86 -14.86 15.72
C ASN A 210 2.72 -15.70 16.34
N PRO A 211 1.67 -15.06 16.91
CA PRO A 211 0.55 -15.82 17.51
C PRO A 211 -0.19 -16.75 16.55
N ILE A 212 -0.31 -16.36 15.28
CA ILE A 212 -1.08 -17.13 14.31
C ILE A 212 -0.28 -18.24 13.61
N VAL A 213 1.04 -18.18 13.73
CA VAL A 213 1.94 -19.16 13.10
C VAL A 213 1.58 -20.64 13.39
N PRO A 214 1.35 -21.00 14.67
CA PRO A 214 0.96 -22.39 14.98
C PRO A 214 -0.35 -22.83 14.32
N TYR A 215 -1.30 -21.90 14.17
CA TYR A 215 -2.58 -22.18 13.53
C TYR A 215 -2.46 -22.40 12.02
N LEU A 216 -1.35 -21.93 11.46
CA LEU A 216 -1.15 -21.99 10.01
C LEU A 216 -0.78 -23.38 9.47
N GLN A 217 -0.50 -24.32 10.38
CA GLN A 217 -0.35 -25.74 10.00
C GLN A 217 -1.71 -26.38 9.74
N GLN A 218 -2.67 -25.56 9.32
CA GLN A 218 -4.03 -25.99 9.02
C GLN A 218 -4.31 -25.90 7.53
N GLU A 219 -3.95 -26.97 6.83
CA GLU A 219 -4.01 -27.02 5.36
C GLU A 219 -4.64 -28.33 4.87
N SER B 15 -49.26 -12.40 12.83
CA SER B 15 -48.35 -13.01 13.84
C SER B 15 -47.70 -14.29 13.31
N SER B 16 -46.38 -14.33 13.40
CA SER B 16 -45.56 -15.36 12.74
C SER B 16 -44.70 -16.15 13.72
N ASN B 17 -43.75 -16.92 13.19
CA ASN B 17 -42.87 -17.72 14.04
C ASN B 17 -41.59 -16.98 14.41
N GLU B 19 -38.98 -17.86 16.51
CA GLU B 19 -37.75 -18.63 16.54
C GLU B 19 -37.24 -18.98 15.14
N VAL B 20 -38.09 -18.80 14.13
CA VAL B 20 -37.67 -18.95 12.74
C VAL B 20 -36.99 -17.67 12.29
N GLU B 21 -37.61 -16.54 12.61
CA GLU B 21 -37.07 -15.23 12.27
C GLU B 21 -35.70 -14.98 12.90
N HIS B 22 -35.51 -15.42 14.14
CA HIS B 22 -34.22 -15.28 14.81
C HIS B 22 -33.07 -15.84 13.98
N TRP B 23 -33.23 -17.07 13.53
CA TRP B 23 -32.19 -17.74 12.74
C TRP B 23 -32.02 -17.16 11.35
N THR B 25 -32.58 -14.11 10.58
CA THR B 25 -31.82 -12.90 10.85
C THR B 25 -30.34 -13.22 11.06
N SER B 26 -30.06 -14.20 11.92
CA SER B 26 -28.68 -14.57 12.25
C SER B 26 -27.86 -14.97 11.03
N LEU B 27 -28.51 -15.61 10.07
CA LEU B 27 -27.87 -15.93 8.80
C LEU B 27 -27.72 -14.67 7.95
N LYS B 28 -28.78 -13.85 7.89
CA LYS B 28 -28.71 -12.54 7.21
C LYS B 28 -27.48 -11.77 7.69
N GLU B 29 -27.24 -11.80 9.00
CA GLU B 29 -26.09 -11.15 9.60
C GLU B 29 -24.79 -11.75 9.09
N VAL B 30 -24.70 -13.08 9.11
CA VAL B 30 -23.52 -13.79 8.61
C VAL B 30 -23.19 -13.37 7.17
N GLU B 31 -24.22 -13.16 6.36
CA GLU B 31 -24.06 -12.73 4.98
C GLU B 31 -23.49 -11.33 4.90
N LYS B 32 -24.03 -10.41 5.71
CA LYS B 32 -23.54 -9.04 5.72
C LYS B 32 -22.03 -9.04 5.97
N VAL B 33 -21.59 -9.94 6.85
CA VAL B 33 -20.16 -10.16 7.08
C VAL B 33 -19.47 -10.62 5.80
N LEU B 34 -19.99 -11.69 5.19
CA LEU B 34 -19.42 -12.22 3.96
C LEU B 34 -19.35 -11.17 2.87
N ASP B 35 -20.42 -10.37 2.76
CA ASP B 35 -20.50 -9.34 1.74
C ASP B 35 -19.58 -8.15 2.02
N SER B 36 -19.11 -8.04 3.27
CA SER B 36 -18.19 -6.99 3.65
C SER B 36 -16.75 -7.40 3.40
N VAL B 37 -16.46 -8.67 3.64
CA VAL B 37 -15.10 -9.18 3.57
C VAL B 37 -14.70 -9.61 2.16
N GLU B 38 -15.66 -10.08 1.38
CA GLU B 38 -15.35 -10.58 0.03
C GLU B 38 -14.60 -9.55 -0.81
N PRO B 39 -15.12 -8.31 -0.94
CA PRO B 39 -14.39 -7.30 -1.70
C PRO B 39 -13.02 -6.96 -1.09
N LYS B 40 -12.95 -6.98 0.23
CA LYS B 40 -11.69 -6.76 0.95
C LYS B 40 -10.67 -7.83 0.59
N LEU B 41 -11.11 -9.09 0.61
CA LEU B 41 -10.26 -10.21 0.30
C LEU B 41 -9.64 -10.13 -1.09
N THR B 42 -10.46 -9.78 -2.08
CA THR B 42 -10.01 -9.78 -3.46
C THR B 42 -8.93 -8.72 -3.72
N SER B 43 -8.95 -7.65 -2.94
CA SER B 43 -7.96 -6.57 -3.10
C SER B 43 -6.74 -6.68 -2.19
N SER B 44 -6.61 -7.78 -1.45
CA SER B 44 -5.49 -7.95 -0.51
C SER B 44 -4.11 -7.93 -1.20
N GLY B 45 -4.02 -8.58 -2.37
CA GLY B 45 -2.79 -8.58 -3.15
C GLY B 45 -2.53 -7.23 -3.80
N THR B 46 -3.59 -6.46 -3.98
CA THR B 46 -3.52 -5.12 -4.55
C THR B 46 -2.66 -4.19 -3.72
N LYS B 47 -2.81 -4.28 -2.39
CA LYS B 47 -2.16 -3.36 -1.46
C LYS B 47 -0.65 -3.45 -1.58
N TRP B 48 -0.14 -4.67 -1.74
CA TRP B 48 1.29 -4.92 -1.87
C TRP B 48 1.88 -4.49 -3.22
N ARG B 49 1.08 -4.63 -4.28
CA ARG B 49 1.47 -4.15 -5.61
C ARG B 49 1.99 -2.74 -5.48
N VAL B 50 1.19 -1.89 -4.83
CA VAL B 50 1.55 -0.50 -4.59
C VAL B 50 2.94 -0.41 -3.95
N VAL B 51 3.20 -1.27 -2.97
CA VAL B 51 4.48 -1.25 -2.25
C VAL B 51 5.66 -1.60 -3.17
N ALA B 52 5.53 -2.70 -3.90
CA ALA B 52 6.55 -3.13 -4.86
C ALA B 52 6.87 -2.02 -5.83
N GLN B 53 5.82 -1.49 -6.48
CA GLN B 53 5.93 -0.44 -7.48
C GLN B 53 6.49 0.84 -6.88
N HIS B 54 6.18 1.11 -5.62
CA HIS B 54 6.72 2.26 -4.94
C HIS B 54 8.23 2.14 -4.75
N ILE B 55 8.68 0.96 -4.37
CA ILE B 55 10.11 0.69 -4.20
C ILE B 55 10.84 0.69 -5.55
N LYS B 56 10.24 0.02 -6.52
CA LYS B 56 10.77 -0.07 -7.88
C LYS B 56 10.95 1.33 -8.48
N ASP B 57 10.05 2.24 -8.13
CA ASP B 57 10.08 3.60 -8.66
C ASP B 57 11.19 4.44 -8.08
N ILE B 58 11.30 4.43 -6.76
CA ILE B 58 12.36 5.13 -6.05
C ILE B 58 13.73 4.65 -6.52
N CYS B 59 13.96 3.34 -6.44
CA CYS B 59 15.22 2.74 -6.86
C CYS B 59 15.66 3.17 -8.24
N SER B 60 14.79 2.95 -9.22
CA SER B 60 15.15 3.27 -10.60
C SER B 60 14.98 4.76 -10.90
N ASP B 61 14.81 5.58 -9.85
CA ASP B 61 14.96 7.03 -9.97
C ASP B 61 16.42 7.36 -9.65
N LEU B 62 16.99 6.61 -8.72
CA LEU B 62 18.38 6.78 -8.33
C LEU B 62 19.31 6.06 -9.30
N ASN B 63 18.75 5.09 -10.02
CA ASN B 63 19.53 4.35 -10.99
C ASN B 63 19.60 5.05 -12.35
N GLN B 64 19.11 6.28 -12.41
CA GLN B 64 19.10 7.05 -13.65
C GLN B 64 20.47 7.66 -13.95
N ILE B 65 20.63 8.94 -13.64
CA ILE B 65 21.79 9.73 -14.08
C ILE B 65 23.09 9.42 -13.31
N PHE B 66 23.06 8.39 -12.47
CA PHE B 66 24.26 7.87 -11.84
C PHE B 66 24.93 6.86 -12.80
N ASN B 67 25.69 7.39 -13.76
CA ASN B 67 26.32 6.55 -14.78
C ASN B 67 27.74 6.13 -14.39
N LYS B 68 28.36 6.95 -13.54
CA LYS B 68 29.81 7.01 -13.36
C LYS B 68 30.55 5.71 -13.01
N GLU B 69 29.81 4.61 -12.86
CA GLU B 69 30.37 3.31 -12.45
C GLU B 69 31.28 3.41 -11.21
N ASP B 70 31.06 4.48 -10.45
CA ASP B 70 31.62 4.70 -9.13
C ASP B 70 31.45 3.44 -8.26
N PRO B 71 32.42 3.17 -7.35
CA PRO B 71 32.21 2.10 -6.37
C PRO B 71 30.84 2.13 -5.69
N ARG B 72 30.23 3.31 -5.61
CA ARG B 72 28.90 3.47 -4.98
C ARG B 72 27.74 3.29 -5.95
N TYR B 73 28.04 3.07 -7.23
CA TYR B 73 27.01 2.73 -8.20
C TYR B 73 26.49 1.32 -7.94
N GLU B 74 27.32 0.48 -7.31
CA GLU B 74 26.94 -0.86 -6.91
C GLU B 74 25.75 -0.86 -5.95
N VAL B 75 25.80 0.01 -4.96
CA VAL B 75 24.74 0.12 -3.94
C VAL B 75 23.37 0.32 -4.59
N VAL B 76 23.27 1.39 -5.39
CA VAL B 76 22.04 1.73 -6.11
C VAL B 76 21.63 0.65 -7.12
N GLN B 77 22.58 0.20 -7.93
CA GLN B 77 22.34 -0.86 -8.90
C GLN B 77 21.80 -2.14 -8.24
N ALA B 78 22.54 -2.63 -7.24
CA ALA B 78 22.13 -3.82 -6.50
C ALA B 78 20.82 -3.59 -5.76
N GLY B 79 20.53 -2.33 -5.45
CA GLY B 79 19.25 -1.95 -4.86
C GLY B 79 18.09 -2.16 -5.82
N ALA B 80 18.24 -1.60 -7.03
CA ALA B 80 17.20 -1.65 -8.07
C ALA B 80 17.03 -3.05 -8.64
N SER B 81 18.14 -3.78 -8.69
CA SER B 81 18.12 -5.21 -9.00
C SER B 81 17.26 -5.95 -7.98
N ALA B 82 17.45 -5.60 -6.70
CA ALA B 82 16.68 -6.20 -5.61
C ALA B 82 15.21 -5.74 -5.59
N ALA B 83 14.95 -4.59 -6.17
CA ALA B 83 13.57 -4.09 -6.28
C ALA B 83 12.83 -4.85 -7.38
N HIS B 84 13.51 -5.04 -8.51
CA HIS B 84 12.96 -5.85 -9.59
C HIS B 84 12.67 -7.24 -9.03
N ASP B 85 13.67 -7.78 -8.35
CA ASP B 85 13.60 -9.07 -7.67
C ASP B 85 12.27 -9.25 -6.94
N PHE B 86 11.92 -8.26 -6.13
CA PHE B 86 10.69 -8.30 -5.34
C PHE B 86 9.45 -8.30 -6.21
N ASP B 87 9.38 -7.33 -7.13
CA ASP B 87 8.23 -7.18 -8.01
C ASP B 87 7.83 -8.49 -8.69
N VAL B 88 8.82 -9.27 -9.11
CA VAL B 88 8.57 -10.55 -9.76
C VAL B 88 8.02 -11.57 -8.76
N ARG B 89 8.68 -11.69 -7.62
CA ARG B 89 8.29 -12.69 -6.63
C ARG B 89 6.97 -12.37 -5.93
N TYR B 90 6.58 -11.10 -5.97
CA TYR B 90 5.23 -10.68 -5.59
C TYR B 90 4.24 -11.24 -6.61
N LEU B 91 4.49 -10.94 -7.89
CA LEU B 91 3.61 -11.33 -8.98
C LEU B 91 3.43 -12.84 -8.96
N ASP B 92 4.49 -13.55 -8.58
CA ASP B 92 4.43 -14.99 -8.40
C ASP B 92 3.42 -15.37 -7.32
N ILE B 93 3.60 -14.85 -6.10
CA ILE B 93 2.67 -15.18 -5.01
C ILE B 93 1.34 -14.42 -5.12
N HIS B 94 1.08 -13.88 -6.30
CA HIS B 94 -0.19 -13.25 -6.59
C HIS B 94 -0.92 -14.03 -7.67
N LYS B 95 -0.21 -14.35 -8.74
CA LYS B 95 -0.80 -15.12 -9.84
C LYS B 95 -0.89 -16.60 -9.53
N HIS B 96 -0.14 -17.07 -8.54
CA HIS B 96 -0.02 -18.51 -8.30
C HIS B 96 -0.47 -18.96 -6.90
N GLY B 97 -0.78 -17.99 -6.04
CA GLY B 97 -1.24 -18.25 -4.68
C GLY B 97 -2.66 -18.79 -4.65
N ARG B 98 -2.85 -19.89 -3.93
CA ARG B 98 -4.15 -20.57 -3.90
C ARG B 98 -5.06 -20.09 -2.78
N GLU B 99 -4.52 -20.05 -1.56
CA GLU B 99 -5.29 -19.82 -0.31
C GLU B 99 -6.55 -18.95 -0.47
N ILE B 100 -6.38 -17.80 -1.11
CA ILE B 100 -7.49 -16.86 -1.28
C ILE B 100 -8.49 -17.35 -2.33
N ALA B 101 -7.99 -17.65 -3.53
CA ALA B 101 -8.81 -18.22 -4.60
C ALA B 101 -9.77 -19.28 -4.05
N ARG B 102 -9.21 -20.21 -3.27
CA ARG B 102 -9.98 -21.24 -2.58
C ARG B 102 -11.10 -20.63 -1.76
N LEU B 103 -10.70 -19.80 -0.79
CA LEU B 103 -11.60 -19.23 0.19
C LEU B 103 -12.75 -18.44 -0.45
N LEU B 104 -12.41 -17.62 -1.45
CA LEU B 104 -13.40 -16.84 -2.18
C LEU B 104 -14.52 -17.75 -2.69
N GLU B 105 -14.13 -18.88 -3.27
CA GLU B 105 -15.09 -19.85 -3.77
C GLU B 105 -15.93 -20.45 -2.65
N LYS B 106 -15.27 -20.87 -1.58
CA LYS B 106 -15.96 -21.40 -0.40
C LYS B 106 -17.00 -20.42 0.10
N ILE B 107 -16.67 -19.14 0.04
CA ILE B 107 -17.59 -18.08 0.43
C ILE B 107 -18.75 -17.99 -0.55
N GLN B 108 -18.46 -18.00 -1.85
CA GLN B 108 -19.48 -17.92 -2.88
C GLN B 108 -20.52 -19.06 -2.78
N LYS B 109 -20.03 -20.26 -2.45
CA LYS B 109 -20.90 -21.43 -2.26
C LYS B 109 -21.74 -21.28 -1.01
N TYR B 110 -21.09 -20.89 0.08
CA TYR B 110 -21.77 -20.70 1.36
C TYR B 110 -22.76 -19.53 1.33
N ARG B 111 -22.52 -18.54 0.47
CA ARG B 111 -23.47 -17.43 0.30
C ARG B 111 -24.72 -17.92 -0.41
N GLN B 112 -24.52 -18.49 -1.60
CA GLN B 112 -25.60 -19.09 -2.36
C GLN B 112 -26.36 -20.11 -1.50
N GLU B 113 -25.64 -20.73 -0.56
CA GLU B 113 -26.22 -21.72 0.33
C GLU B 113 -27.17 -21.12 1.35
N ILE B 114 -27.11 -19.79 1.53
CA ILE B 114 -28.06 -19.13 2.42
C ILE B 114 -29.16 -18.40 1.66
N GLU B 115 -28.96 -18.23 0.36
CA GLU B 115 -29.99 -17.64 -0.48
C GLU B 115 -31.13 -18.64 -0.73
N GLU B 116 -30.77 -19.92 -0.82
CA GLU B 116 -31.76 -21.00 -0.95
C GLU B 116 -32.58 -21.09 0.32
N ILE B 117 -31.95 -20.75 1.44
CA ILE B 117 -32.61 -20.76 2.75
C ILE B 117 -33.54 -19.56 2.89
N LYS B 118 -33.26 -18.50 2.13
CA LYS B 118 -34.18 -17.36 2.05
C LYS B 118 -35.49 -17.79 1.37
N LYS B 119 -35.36 -18.53 0.27
CA LYS B 119 -36.52 -18.95 -0.52
C LYS B 119 -37.35 -20.02 0.18
N GLU B 120 -36.68 -20.82 1.00
CA GLU B 120 -37.37 -21.75 1.89
C GLU B 120 -38.07 -21.01 3.03
N TYR B 121 -37.57 -19.83 3.35
CA TYR B 121 -38.18 -19.00 4.40
C TYR B 121 -39.49 -18.39 3.90
N LYS B 122 -39.48 -17.91 2.66
CA LYS B 122 -40.67 -17.29 2.08
C LYS B 122 -41.79 -18.30 1.78
N GLU B 123 -41.40 -19.56 1.56
CA GLU B 123 -42.36 -20.63 1.35
C GLU B 123 -43.23 -20.87 2.58
N THR B 124 -42.64 -20.69 3.76
CA THR B 124 -43.30 -20.92 5.04
C THR B 124 -44.54 -20.05 5.25
N ASP B 125 -44.51 -18.83 4.72
CA ASP B 125 -45.64 -17.91 4.88
C ASP B 125 -46.93 -18.44 4.22
N LYS B 126 -46.79 -19.29 3.21
CA LYS B 126 -47.93 -20.00 2.61
C LYS B 126 -48.62 -20.87 3.66
N TYR B 127 -47.80 -21.52 4.49
CA TYR B 127 -48.29 -22.35 5.59
C TYR B 127 -48.82 -21.49 6.74
N ARG B 128 -48.42 -20.22 6.77
CA ARG B 128 -48.94 -19.29 7.76
C ARG B 128 -50.32 -18.79 7.37
N GLU B 129 -50.60 -18.75 6.06
CA GLU B 129 -51.95 -18.46 5.58
C GLU B 129 -52.92 -19.56 5.94
N ARG B 130 -52.40 -20.77 6.14
CA ARG B 130 -53.20 -21.88 6.65
C ARG B 130 -53.62 -21.59 8.09
N TYR B 131 -52.63 -21.30 8.93
CA TYR B 131 -52.85 -21.07 10.35
C TYR B 131 -53.72 -19.84 10.64
N ASP B 132 -53.61 -18.84 9.77
CA ASP B 132 -54.36 -17.59 9.95
C ASP B 132 -55.70 -17.57 9.19
N HIS B 133 -55.81 -18.43 8.17
CA HIS B 133 -57.08 -18.60 7.48
C HIS B 133 -58.06 -19.29 8.42
N TYR B 134 -57.67 -20.49 8.88
CA TYR B 134 -58.56 -21.35 9.64
C TYR B 134 -58.81 -20.91 11.07
N LYS B 135 -57.97 -20.01 11.58
CA LYS B 135 -58.26 -19.43 12.90
C LYS B 135 -59.39 -18.42 12.80
N VAL B 136 -59.40 -17.68 11.69
CA VAL B 136 -60.47 -16.72 11.40
C VAL B 136 -61.82 -17.43 11.20
N LYS B 137 -61.82 -18.56 10.51
CA LYS B 137 -63.06 -19.32 10.29
C LYS B 137 -63.57 -19.97 11.56
N LEU B 138 -62.72 -20.71 12.26
CA LEU B 138 -63.12 -21.35 13.52
C LEU B 138 -63.68 -20.37 14.54
N ASP B 139 -63.24 -19.11 14.48
CA ASP B 139 -63.80 -18.04 15.29
C ASP B 139 -65.22 -17.72 14.83
N ASN B 140 -65.35 -17.41 13.55
CA ASN B 140 -66.63 -17.00 12.96
C ASN B 140 -67.69 -18.10 12.93
N LEU B 141 -67.25 -19.33 12.70
CA LEU B 141 -68.16 -20.47 12.62
C LEU B 141 -68.73 -20.85 13.97
N GLU B 142 -67.91 -20.69 15.01
CA GLU B 142 -68.34 -20.95 16.38
C GLU B 142 -69.23 -19.84 16.93
N LYS B 143 -69.00 -18.60 16.50
CA LYS B 143 -69.85 -17.47 16.88
C LYS B 143 -71.28 -17.66 16.35
N LYS B 144 -71.41 -17.73 15.02
CA LYS B 144 -72.70 -17.99 14.38
C LYS B 144 -73.01 -19.48 14.56
N ASN B 145 -73.29 -19.84 15.81
CA ASN B 145 -73.45 -21.23 16.22
C ASN B 145 -74.57 -21.90 15.45
N LYS B 146 -74.23 -22.55 14.34
CA LYS B 146 -75.23 -23.11 13.44
C LYS B 146 -74.97 -24.54 12.99
N ASP B 147 -73.82 -24.77 12.36
CA ASP B 147 -73.47 -26.13 11.94
C ASP B 147 -72.37 -26.74 12.81
N GLN B 148 -72.79 -27.55 13.78
CA GLN B 148 -71.88 -28.19 14.73
C GLN B 148 -70.90 -29.18 14.08
N GLU B 149 -71.28 -29.74 12.93
CA GLU B 149 -70.41 -30.68 12.23
C GLU B 149 -69.49 -30.04 11.19
N ARG B 150 -69.86 -28.83 10.76
CA ARG B 150 -68.97 -28.00 9.94
C ARG B 150 -67.86 -27.47 10.84
N ILE B 151 -68.25 -26.85 11.95
CA ILE B 151 -67.29 -26.33 12.92
C ILE B 151 -66.41 -27.43 13.48
N GLU B 152 -66.84 -28.68 13.29
CA GLU B 152 -66.05 -29.85 13.69
C GLU B 152 -64.97 -30.19 12.66
N ARG B 153 -65.27 -29.92 11.40
CA ARG B 153 -64.31 -30.16 10.32
C ARG B 153 -63.20 -29.12 10.30
N ASN B 154 -63.54 -27.91 10.77
CA ASN B 154 -62.55 -26.84 10.90
C ASN B 154 -61.69 -26.98 12.14
N GLN B 155 -62.27 -27.55 13.20
CA GLN B 155 -61.49 -27.99 14.36
C GLN B 155 -60.35 -28.87 13.88
N GLN B 156 -60.63 -29.67 12.84
CA GLN B 156 -59.60 -30.48 12.20
C GLN B 156 -58.65 -29.65 11.35
N LYS B 157 -59.19 -28.86 10.43
CA LYS B 157 -58.38 -28.05 9.51
C LYS B 157 -57.43 -27.09 10.22
N PHE B 158 -57.88 -26.46 11.29
CA PHE B 158 -57.03 -25.64 12.13
C PHE B 158 -55.91 -26.50 12.72
N LYS B 159 -56.27 -27.64 13.31
CA LYS B 159 -55.30 -28.56 13.87
C LYS B 159 -54.38 -29.18 12.82
N ASP B 160 -54.81 -29.18 11.56
CA ASP B 160 -53.98 -29.64 10.45
C ASP B 160 -52.95 -28.58 10.10
N ALA B 161 -53.42 -27.33 10.07
CA ALA B 161 -52.60 -26.18 9.73
C ALA B 161 -51.47 -25.98 10.73
N GLU B 162 -51.79 -26.03 12.02
CA GLU B 162 -50.79 -25.86 13.06
C GLU B 162 -49.83 -27.03 13.12
N ALA B 163 -50.33 -28.24 12.87
CA ALA B 163 -49.50 -29.44 12.88
C ALA B 163 -48.46 -29.37 11.77
N ALA B 164 -48.88 -28.91 10.59
CA ALA B 164 -48.00 -28.82 9.42
C ALA B 164 -47.04 -27.65 9.53
N TYR B 165 -47.57 -26.48 9.86
CA TYR B 165 -46.77 -25.27 10.03
C TYR B 165 -45.68 -25.50 11.07
N SER B 166 -46.07 -26.05 12.22
CA SER B 166 -45.11 -26.33 13.29
C SER B 166 -44.04 -27.32 12.86
N SER B 167 -44.43 -28.27 12.01
CA SER B 167 -43.51 -29.27 11.49
C SER B 167 -42.48 -28.61 10.57
N VAL B 168 -42.96 -27.84 9.59
CA VAL B 168 -42.06 -27.25 8.59
C VAL B 168 -41.13 -26.19 9.17
N CYS B 169 -41.52 -25.63 10.31
CA CYS B 169 -40.64 -24.72 11.06
C CYS B 169 -39.53 -25.50 11.73
N ALA B 170 -39.90 -26.44 12.61
CA ALA B 170 -38.93 -27.32 13.26
C ALA B 170 -37.95 -27.94 12.26
N ASP B 171 -38.44 -28.24 11.05
CA ASP B 171 -37.65 -28.80 9.96
C ASP B 171 -36.61 -27.81 9.45
N LEU B 172 -37.08 -26.60 9.15
CA LEU B 172 -36.23 -25.56 8.57
C LEU B 172 -35.26 -24.99 9.60
N ILE B 173 -35.75 -24.73 10.81
CA ILE B 173 -34.90 -24.33 11.93
C ILE B 173 -33.69 -25.26 12.02
N GLN B 174 -33.95 -26.57 11.92
CA GLN B 174 -32.91 -27.58 11.99
C GLN B 174 -31.88 -27.41 10.86
N LYS B 175 -32.36 -27.00 9.68
CA LYS B 175 -31.47 -26.72 8.55
C LYS B 175 -30.76 -25.38 8.69
N GLU B 177 -30.00 -23.97 11.44
CA GLU B 177 -28.96 -24.23 12.45
C GLU B 177 -27.68 -24.78 11.81
N THR B 178 -27.82 -25.85 11.03
CA THR B 178 -26.65 -26.51 10.46
C THR B 178 -25.86 -25.64 9.45
N VAL B 179 -26.54 -24.63 8.90
CA VAL B 179 -25.91 -23.70 7.96
C VAL B 179 -25.13 -22.61 8.71
N TRP B 180 -25.78 -22.03 9.73
CA TRP B 180 -25.12 -21.09 10.63
C TRP B 180 -23.81 -21.69 11.14
N LYS B 181 -23.83 -22.99 11.43
CA LYS B 181 -22.68 -23.72 11.93
C LYS B 181 -21.43 -23.59 11.04
N LYS B 182 -21.63 -23.57 9.73
CA LYS B 182 -20.51 -23.57 8.79
C LYS B 182 -19.61 -22.36 8.92
N HIS B 183 -20.22 -21.18 9.12
CA HIS B 183 -19.48 -19.91 9.12
C HIS B 183 -18.21 -19.97 9.94
N VAL B 184 -18.31 -20.65 11.08
CA VAL B 184 -17.22 -20.76 12.04
C VAL B 184 -15.94 -21.26 11.37
N SER B 185 -16.05 -22.38 10.65
CA SER B 185 -14.92 -22.95 9.96
C SER B 185 -14.39 -22.01 8.88
N ILE B 186 -15.28 -21.35 8.16
CA ILE B 186 -14.85 -20.54 7.02
C ILE B 186 -14.32 -19.18 7.46
N PHE B 187 -14.83 -18.66 8.56
CA PHE B 187 -14.27 -17.47 9.20
C PHE B 187 -12.83 -17.76 9.59
N ALA B 188 -12.62 -18.92 10.24
CA ALA B 188 -11.29 -19.38 10.63
C ALA B 188 -10.37 -19.50 9.41
N GLU B 189 -10.88 -20.08 8.33
CA GLU B 189 -10.10 -20.18 7.10
C GLU B 189 -9.66 -18.80 6.62
N ALA B 190 -10.60 -17.86 6.54
CA ALA B 190 -10.27 -16.49 6.11
C ALA B 190 -9.07 -15.93 6.87
N ALA B 191 -9.20 -15.82 8.18
CA ALA B 191 -8.08 -15.39 9.02
C ALA B 191 -6.77 -16.06 8.61
N SER B 192 -6.75 -17.39 8.64
CA SER B 192 -5.57 -18.17 8.24
C SER B 192 -5.06 -17.73 6.87
N ALA B 193 -5.95 -17.77 5.89
CA ALA B 193 -5.59 -17.49 4.50
C ALA B 193 -5.01 -16.10 4.33
N VAL B 194 -5.60 -15.10 4.99
CA VAL B 194 -5.14 -13.73 4.90
C VAL B 194 -3.69 -13.62 5.39
N TRP B 195 -3.47 -14.01 6.65
CA TRP B 195 -2.15 -13.95 7.25
C TRP B 195 -1.13 -14.79 6.50
N SER B 196 -1.50 -16.04 6.22
CA SER B 196 -0.73 -16.90 5.33
C SER B 196 -0.16 -16.08 4.18
N THR B 197 -1.05 -15.37 3.49
CA THR B 197 -0.71 -14.55 2.33
C THR B 197 0.15 -13.34 2.70
N GLN B 198 -0.31 -12.55 3.69
CA GLN B 198 0.42 -11.36 4.11
C GLN B 198 1.83 -11.73 4.56
N LEU B 199 1.92 -12.79 5.36
CA LEU B 199 3.21 -13.33 5.78
C LEU B 199 4.06 -13.65 4.57
N GLN B 200 3.49 -14.39 3.61
CA GLN B 200 4.22 -14.80 2.40
C GLN B 200 4.86 -13.61 1.68
N TYR B 201 4.13 -12.48 1.67
CA TYR B 201 4.61 -11.27 1.01
C TYR B 201 5.81 -10.67 1.75
N ALA B 202 5.71 -10.62 3.08
CA ALA B 202 6.80 -10.12 3.91
C ALA B 202 8.05 -10.97 3.71
N LYS B 203 7.88 -12.28 3.77
CA LYS B 203 8.95 -13.24 3.48
C LYS B 203 9.62 -12.90 2.15
N ALA B 204 8.80 -12.52 1.17
CA ALA B 204 9.31 -12.19 -0.15
C ALA B 204 10.12 -10.91 -0.13
N LEU B 205 9.68 -9.91 0.62
CA LEU B 205 10.41 -8.63 0.70
C LEU B 205 11.80 -8.83 1.31
N GLU B 206 11.85 -9.59 2.39
CA GLU B 206 13.08 -9.90 3.08
C GLU B 206 14.03 -10.67 2.20
N ALA B 207 13.50 -11.68 1.50
CA ALA B 207 14.30 -12.51 0.61
C ALA B 207 14.92 -11.69 -0.52
N ALA B 208 14.12 -10.78 -1.09
CA ALA B 208 14.55 -9.91 -2.18
C ALA B 208 15.69 -8.96 -1.77
N ALA B 209 15.71 -8.62 -0.48
CA ALA B 209 16.65 -7.65 0.08
C ALA B 209 18.09 -8.17 0.20
N ASN B 210 18.27 -9.48 0.10
CA ASN B 210 19.59 -10.11 0.30
C ASN B 210 20.81 -9.44 -0.35
N PRO B 211 20.70 -9.01 -1.65
CA PRO B 211 21.75 -8.22 -2.29
C PRO B 211 22.20 -6.97 -1.52
N ILE B 212 21.28 -6.32 -0.82
CA ILE B 212 21.58 -5.04 -0.15
C ILE B 212 21.96 -5.19 1.32
N VAL B 213 21.47 -6.24 1.97
CA VAL B 213 21.72 -6.48 3.39
C VAL B 213 23.13 -6.06 3.85
N PRO B 214 24.20 -6.51 3.14
CA PRO B 214 25.55 -6.11 3.53
C PRO B 214 25.72 -4.60 3.65
N TYR B 215 25.13 -3.85 2.72
CA TYR B 215 25.31 -2.40 2.65
C TYR B 215 24.63 -1.64 3.79
N LEU B 216 23.53 -2.17 4.28
CA LEU B 216 22.66 -1.46 5.23
C LEU B 216 23.28 -1.19 6.60
N GLN B 217 24.25 -2.02 6.97
CA GLN B 217 24.81 -2.00 8.33
C GLN B 217 25.62 -0.77 8.69
N GLN B 218 26.15 -0.09 7.67
CA GLN B 218 27.01 1.07 7.88
C GLN B 218 26.25 2.30 8.40
N GLU B 219 24.92 2.24 8.29
CA GLU B 219 24.04 3.35 8.65
C GLU B 219 23.41 3.10 10.01
N GLU B 220 22.90 1.89 10.19
CA GLU B 220 22.25 1.44 11.43
C GLU B 220 23.04 1.78 12.69
N GLN B 221 24.35 1.95 12.54
CA GLN B 221 25.24 2.32 13.64
C GLN B 221 25.34 3.84 13.80
N GLU B 222 25.42 4.55 12.67
CA GLU B 222 25.67 5.99 12.65
C GLU B 222 24.65 6.81 13.43
N GLU B 223 25.18 7.74 14.24
CA GLU B 223 24.36 8.66 15.04
C GLU B 223 25.10 9.97 15.25
N GLU B 224 26.29 9.88 15.86
CA GLU B 224 27.23 11.01 15.98
C GLU B 224 26.62 12.26 16.62
#